data_8CHV
#
_entry.id   8CHV
#
_cell.length_a   63.307
_cell.length_b   57.573
_cell.length_c   84.879
_cell.angle_alpha   90.000
_cell.angle_beta   102.330
_cell.angle_gamma   90.000
#
_symmetry.space_group_name_H-M   'P 1 21 1'
#
loop_
_entity.id
_entity.type
_entity.pdbx_description
1 polymer 'Transcriptional activator protein Pur-alpha'
2 water water
#
_entity_poly.entity_id   1
_entity_poly.type   'polypeptide(L)'
_entity_poly.pdbx_seq_one_letter_code
;ETQELASKRVDIQNKRFYLDVKQNAKGRFLKIAEVGAGGNKSRLTLSMSVAVEFRDYLGDFIEHYAQLGPSQPPDLAQAQ
DEPPRALKSEFLVRENRKYYMDLKENQRGRFLRIRQTVNRGPGLGSTQGQTIALPAQGLIEFRDALAKLIDDYGVE
;
_entity_poly.pdbx_strand_id   A,B,C,D
#
# COMPACT_ATOMS: atom_id res chain seq x y z
N GLU A 1 26.09 -27.76 -5.55
CA GLU A 1 26.27 -26.72 -4.49
C GLU A 1 26.16 -25.33 -5.12
N THR A 2 25.74 -24.38 -4.26
CA THR A 2 25.51 -22.99 -4.61
C THR A 2 26.17 -22.14 -3.53
N GLN A 3 27.15 -21.33 -3.93
CA GLN A 3 27.73 -20.30 -3.07
C GLN A 3 26.77 -19.10 -3.02
N GLU A 4 26.51 -18.61 -1.81
CA GLU A 4 25.94 -17.30 -1.59
C GLU A 4 27.08 -16.29 -1.60
N LEU A 5 27.04 -15.36 -2.56
CA LEU A 5 28.14 -14.44 -2.76
C LEU A 5 27.84 -13.08 -2.10
N ALA A 6 26.57 -12.65 -2.15
CA ALA A 6 26.23 -11.32 -1.64
C ALA A 6 24.72 -11.19 -1.59
N SER A 7 24.25 -10.23 -0.78
CA SER A 7 22.82 -10.01 -0.62
C SER A 7 22.51 -8.53 -0.45
N LYS A 8 21.45 -8.05 -1.09
CA LYS A 8 21.09 -6.65 -0.99
C LYS A 8 19.59 -6.51 -0.72
N ARG A 9 19.25 -5.75 0.32
CA ARG A 9 17.87 -5.44 0.65
C ARG A 9 17.55 -4.06 0.10
N VAL A 10 16.44 -3.93 -0.64
CA VAL A 10 15.96 -2.63 -1.08
C VAL A 10 14.55 -2.42 -0.53
N ASP A 11 14.36 -1.40 0.32
CA ASP A 11 13.03 -1.09 0.83
C ASP A 11 12.41 -0.02 -0.07
N ILE A 12 11.17 -0.25 -0.49
CA ILE A 12 10.44 0.69 -1.35
C ILE A 12 9.03 0.80 -0.81
N GLN A 13 8.69 1.97 -0.27
CA GLN A 13 7.41 2.18 0.37
C GLN A 13 7.22 1.07 1.39
N ASN A 14 6.16 0.28 1.29
N ASN A 14 6.16 0.27 1.23
CA ASN A 14 5.86 -0.71 2.32
CA ASN A 14 5.74 -0.71 2.21
C ASN A 14 6.28 -2.09 1.81
C ASN A 14 6.33 -2.08 1.87
N LYS A 15 7.23 -2.11 0.87
CA LYS A 15 7.72 -3.36 0.32
C LYS A 15 9.23 -3.47 0.51
N ARG A 16 9.69 -4.72 0.55
CA ARG A 16 11.06 -5.12 0.78
C ARG A 16 11.48 -6.12 -0.30
N PHE A 17 12.59 -5.80 -0.98
CA PHE A 17 13.09 -6.66 -2.03
C PHE A 17 14.47 -7.15 -1.63
N TYR A 18 14.76 -8.41 -1.98
CA TYR A 18 16.05 -9.01 -1.70
C TYR A 18 16.70 -9.37 -3.03
N LEU A 19 17.93 -8.91 -3.22
CA LEU A 19 18.75 -9.30 -4.36
C LEU A 19 19.92 -10.17 -3.91
N ASP A 20 19.88 -11.46 -4.25
CA ASP A 20 20.90 -12.41 -3.83
C ASP A 20 21.70 -12.84 -5.05
N VAL A 21 23.02 -12.62 -4.97
CA VAL A 21 23.96 -13.12 -5.96
C VAL A 21 24.48 -14.46 -5.45
N LYS A 22 24.43 -15.44 -6.34
CA LYS A 22 24.80 -16.80 -6.05
C LYS A 22 25.74 -17.26 -7.16
N GLN A 23 26.33 -18.42 -6.96
CA GLN A 23 27.16 -19.02 -7.99
C GLN A 23 27.04 -20.54 -7.89
N ASN A 24 26.80 -21.20 -9.04
CA ASN A 24 26.92 -22.64 -9.18
C ASN A 24 27.93 -22.94 -10.29
N ALA A 25 28.05 -24.21 -10.72
CA ALA A 25 29.08 -24.57 -11.69
C ALA A 25 28.80 -23.96 -13.08
N LYS A 26 27.53 -23.61 -13.35
CA LYS A 26 27.12 -23.01 -14.61
C LYS A 26 27.55 -21.54 -14.70
N GLY A 27 27.56 -20.84 -13.56
CA GLY A 27 27.97 -19.44 -13.51
C GLY A 27 27.35 -18.67 -12.33
N ARG A 28 27.48 -17.34 -12.40
CA ARG A 28 26.90 -16.47 -11.40
C ARG A 28 25.50 -16.02 -11.79
N PHE A 29 24.63 -15.86 -10.81
CA PHE A 29 23.28 -15.44 -11.11
C PHE A 29 22.63 -14.70 -9.94
N LEU A 30 21.53 -13.98 -10.24
CA LEU A 30 20.67 -13.32 -9.26
C LEU A 30 19.41 -14.12 -8.99
N LYS A 31 19.00 -14.11 -7.72
CA LYS A 31 17.62 -14.36 -7.36
C LYS A 31 17.08 -13.09 -6.71
N ILE A 32 15.92 -12.61 -7.21
CA ILE A 32 15.26 -11.40 -6.73
C ILE A 32 13.90 -11.76 -6.15
N ALA A 33 13.72 -11.50 -4.86
CA ALA A 33 12.50 -11.85 -4.15
C ALA A 33 11.78 -10.61 -3.62
N GLU A 34 10.46 -10.60 -3.79
CA GLU A 34 9.58 -9.69 -3.10
C GLU A 34 8.97 -10.41 -1.88
N VAL A 35 9.02 -9.71 -0.75
CA VAL A 35 8.62 -10.21 0.56
C VAL A 35 7.24 -9.63 0.89
N GLY A 36 6.30 -10.51 1.31
CA GLY A 36 5.10 -10.08 2.03
C GLY A 36 3.79 -10.45 1.34
N ALA A 37 2.94 -11.20 2.06
CA ALA A 37 1.59 -11.56 1.62
C ALA A 37 1.61 -12.57 0.47
N GLY A 38 2.32 -12.24 -0.61
CA GLY A 38 2.63 -13.18 -1.67
C GLY A 38 3.62 -14.22 -1.17
N GLY A 39 3.97 -15.17 -2.03
CA GLY A 39 4.83 -16.26 -1.60
C GLY A 39 6.23 -16.21 -2.18
N ASN A 40 6.89 -17.36 -2.25
CA ASN A 40 8.05 -17.46 -3.08
C ASN A 40 7.40 -17.86 -4.40
N LYS A 41 6.57 -17.00 -4.94
CA LYS A 41 6.16 -17.04 -6.33
C LYS A 41 6.56 -15.66 -6.82
N SER A 42 7.16 -14.93 -5.88
CA SER A 42 7.70 -13.62 -6.13
C SER A 42 9.21 -13.79 -6.15
N ARG A 43 9.71 -14.64 -7.06
CA ARG A 43 11.11 -15.01 -7.12
C ARG A 43 11.60 -15.05 -8.59
N LEU A 44 12.34 -13.99 -8.98
CA LEU A 44 12.99 -13.91 -10.29
C LEU A 44 14.37 -14.57 -10.26
N THR A 45 14.77 -15.24 -11.37
CA THR A 45 16.12 -15.77 -11.53
C THR A 45 16.75 -15.22 -12.82
N LEU A 46 18.00 -14.77 -12.76
CA LEU A 46 18.70 -14.13 -13.88
C LEU A 46 20.19 -14.45 -13.78
N SER A 47 20.77 -14.98 -14.83
CA SER A 47 22.22 -14.89 -14.97
C SER A 47 22.65 -13.42 -14.89
N MET A 48 23.92 -13.21 -14.55
CA MET A 48 24.54 -11.89 -14.51
C MET A 48 24.41 -11.20 -15.86
N SER A 49 24.57 -11.99 -16.94
CA SER A 49 24.46 -11.50 -18.29
C SER A 49 23.09 -10.89 -18.55
N VAL A 50 22.03 -11.60 -18.17
CA VAL A 50 20.68 -11.08 -18.30
C VAL A 50 20.39 -9.96 -17.31
N ALA A 51 20.97 -10.01 -16.10
CA ALA A 51 20.80 -8.93 -15.15
C ALA A 51 21.31 -7.63 -15.74
N VAL A 52 22.35 -7.69 -16.58
CA VAL A 52 22.84 -6.48 -17.22
C VAL A 52 21.75 -5.90 -18.10
N GLU A 53 21.15 -6.74 -18.97
CA GLU A 53 20.10 -6.28 -19.89
C GLU A 53 18.89 -5.80 -19.11
N PHE A 54 18.66 -6.36 -17.93
CA PHE A 54 17.55 -5.94 -17.11
C PHE A 54 17.80 -4.54 -16.53
N ARG A 55 18.99 -4.31 -15.95
CA ARG A 55 19.47 -2.99 -15.55
C ARG A 55 19.23 -1.94 -16.66
N ASP A 56 19.65 -2.22 -17.89
CA ASP A 56 19.41 -1.31 -19.01
C ASP A 56 17.91 -1.07 -19.27
N TYR A 57 17.07 -2.11 -19.33
CA TYR A 57 15.64 -1.86 -19.42
C TYR A 57 15.17 -0.95 -18.27
N LEU A 58 15.65 -1.15 -17.03
CA LEU A 58 15.16 -0.33 -15.93
C LEU A 58 15.46 1.13 -16.18
N GLY A 59 16.59 1.46 -16.82
CA GLY A 59 16.89 2.84 -17.19
C GLY A 59 15.85 3.52 -18.09
N ASP A 60 15.24 2.76 -19.00
CA ASP A 60 14.19 3.27 -19.88
C ASP A 60 12.89 3.44 -19.11
N PHE A 61 12.52 2.50 -18.26
CA PHE A 61 11.33 2.70 -17.43
C PHE A 61 11.48 3.89 -16.50
N ILE A 62 12.70 4.12 -15.99
CA ILE A 62 12.95 5.25 -15.10
C ILE A 62 12.70 6.57 -15.82
N GLU A 63 13.22 6.69 -17.06
CA GLU A 63 13.02 7.86 -17.91
C GLU A 63 11.53 8.11 -18.14
N HIS A 64 10.80 7.04 -18.45
CA HIS A 64 9.39 7.16 -18.78
C HIS A 64 8.63 7.62 -17.54
N TYR A 65 8.82 6.93 -16.40
CA TYR A 65 8.23 7.31 -15.12
C TYR A 65 8.49 8.79 -14.79
N ALA A 66 9.71 9.26 -14.99
CA ALA A 66 10.06 10.64 -14.71
C ALA A 66 9.32 11.64 -15.59
N GLN A 67 8.82 11.18 -16.75
CA GLN A 67 8.22 12.06 -17.74
C GLN A 67 6.70 11.96 -17.72
N LEU A 68 6.12 11.09 -16.90
CA LEU A 68 4.68 10.95 -16.88
C LEU A 68 3.99 12.27 -16.52
N GLY A 69 4.53 13.00 -15.54
CA GLY A 69 3.78 14.11 -14.98
C GLY A 69 2.60 13.57 -14.17
N PRO A 70 1.69 14.42 -13.65
CA PRO A 70 0.59 13.93 -12.80
C PRO A 70 -0.44 13.03 -13.52
N SER A 71 -1.01 12.07 -12.77
CA SER A 71 -1.90 11.03 -13.31
C SER A 71 -3.27 11.60 -13.62
N GLN A 72 -3.84 11.20 -14.77
CA GLN A 72 -5.27 11.34 -15.05
C GLN A 72 -5.76 12.73 -14.60
N PRO A 83 -8.43 -4.26 -16.91
CA PRO A 83 -8.48 -2.78 -16.97
C PRO A 83 -7.12 -2.08 -16.87
N PRO A 84 -6.40 -2.11 -15.72
CA PRO A 84 -5.34 -1.13 -15.41
C PRO A 84 -4.50 -0.68 -16.60
N ARG A 85 -4.16 0.62 -16.57
CA ARG A 85 -3.54 1.35 -17.67
C ARG A 85 -2.11 0.88 -17.87
N ALA A 86 -1.78 0.47 -19.11
CA ALA A 86 -0.44 -0.03 -19.44
C ALA A 86 0.35 1.08 -20.13
N LEU A 87 1.35 1.63 -19.44
CA LEU A 87 1.98 2.84 -19.89
C LEU A 87 3.12 2.52 -20.85
N LYS A 88 3.89 1.50 -20.47
CA LYS A 88 5.07 1.10 -21.21
C LYS A 88 5.25 -0.39 -20.96
N SER A 89 5.41 -1.16 -22.05
CA SER A 89 5.65 -2.59 -22.01
C SER A 89 6.96 -2.86 -22.71
N GLU A 90 7.78 -3.74 -22.11
CA GLU A 90 8.98 -4.23 -22.75
C GLU A 90 9.06 -5.73 -22.50
N PHE A 91 9.97 -6.39 -23.24
CA PHE A 91 9.99 -7.84 -23.34
C PHE A 91 11.43 -8.27 -23.55
N LEU A 92 11.89 -9.18 -22.71
CA LEU A 92 13.25 -9.71 -22.78
C LEU A 92 13.14 -11.21 -22.80
N VAL A 93 13.63 -11.86 -23.86
CA VAL A 93 13.77 -13.29 -23.75
C VAL A 93 15.21 -13.72 -23.99
N ARG A 94 15.64 -14.60 -23.09
CA ARG A 94 17.04 -14.98 -22.94
C ARG A 94 17.12 -16.28 -22.18
N GLU A 95 18.00 -17.18 -22.60
CA GLU A 95 18.34 -18.36 -21.82
C GLU A 95 17.07 -19.11 -21.44
N ASN A 96 16.18 -19.28 -22.41
CA ASN A 96 14.95 -20.05 -22.25
C ASN A 96 14.05 -19.49 -21.14
N ARG A 97 14.09 -18.18 -20.88
CA ARG A 97 13.13 -17.52 -20.02
C ARG A 97 12.63 -16.24 -20.69
N LYS A 98 11.36 -15.93 -20.42
CA LYS A 98 10.74 -14.70 -20.90
C LYS A 98 10.42 -13.82 -19.70
N TYR A 99 10.77 -12.52 -19.81
CA TYR A 99 10.62 -11.49 -18.81
C TYR A 99 9.69 -10.41 -19.38
N TYR A 100 8.43 -10.37 -18.93
CA TYR A 100 7.53 -9.28 -19.29
C TYR A 100 7.65 -8.17 -18.24
N MET A 101 7.86 -6.93 -18.72
CA MET A 101 8.03 -5.76 -17.88
C MET A 101 6.99 -4.71 -18.26
N ASP A 102 5.96 -4.55 -17.44
CA ASP A 102 4.89 -3.61 -17.77
C ASP A 102 4.81 -2.52 -16.69
N LEU A 103 5.04 -1.27 -17.10
CA LEU A 103 4.79 -0.13 -16.24
C LEU A 103 3.30 0.19 -16.30
N LYS A 104 2.67 0.29 -15.13
CA LYS A 104 1.23 0.38 -15.02
C LYS A 104 0.88 1.35 -13.90
N GLU A 105 -0.38 1.77 -13.84
CA GLU A 105 -0.84 2.57 -12.73
C GLU A 105 -2.29 2.26 -12.45
N ASN A 106 -2.63 2.31 -11.16
CA ASN A 106 -3.99 2.28 -10.67
C ASN A 106 -4.19 3.54 -9.82
N GLN A 107 -5.30 3.59 -9.10
CA GLN A 107 -5.66 4.77 -8.33
C GLN A 107 -4.67 4.96 -7.18
N ARG A 108 -4.00 3.86 -6.78
CA ARG A 108 -3.17 3.82 -5.58
C ARG A 108 -1.68 3.99 -5.91
N GLY A 109 -1.32 4.11 -7.20
CA GLY A 109 0.03 4.52 -7.60
C GLY A 109 0.53 3.83 -8.87
N ARG A 110 1.74 4.16 -9.29
CA ARG A 110 2.35 3.55 -10.46
C ARG A 110 3.36 2.46 -10.08
N PHE A 111 3.49 1.42 -10.90
CA PHE A 111 4.34 0.29 -10.54
C PHE A 111 4.87 -0.41 -11.79
N LEU A 112 6.06 -1.02 -11.66
CA LEU A 112 6.65 -1.89 -12.66
C LEU A 112 6.47 -3.36 -12.25
N ARG A 113 5.69 -4.07 -13.07
CA ARG A 113 5.40 -5.46 -12.88
C ARG A 113 6.33 -6.25 -13.79
N ILE A 114 7.05 -7.21 -13.21
CA ILE A 114 7.92 -8.07 -13.97
C ILE A 114 7.45 -9.49 -13.78
N ARG A 115 7.08 -10.14 -14.88
CA ARG A 115 6.65 -11.52 -14.85
C ARG A 115 7.68 -12.35 -15.61
N GLN A 116 8.15 -13.40 -14.94
CA GLN A 116 9.06 -14.32 -15.57
C GLN A 116 8.36 -15.64 -15.88
N THR A 117 8.54 -16.16 -17.10
CA THR A 117 8.10 -17.51 -17.41
C THR A 117 9.22 -18.35 -18.02
N VAL A 118 9.03 -19.67 -18.10
CA VAL A 118 9.91 -20.52 -18.88
C VAL A 118 9.47 -20.47 -20.34
N ASN A 119 10.44 -20.34 -21.24
CA ASN A 119 10.18 -20.00 -22.64
C ASN A 119 10.29 -21.24 -23.54
N ARG A 120 9.15 -21.76 -23.97
CA ARG A 120 9.18 -22.78 -25.00
C ARG A 120 8.16 -22.40 -26.08
N GLY A 121 8.63 -22.36 -27.32
CA GLY A 121 7.82 -21.93 -28.45
C GLY A 121 7.21 -20.56 -28.17
N PRO A 122 6.00 -20.29 -28.69
CA PRO A 122 5.27 -19.05 -28.35
C PRO A 122 4.49 -19.18 -27.06
N GLY A 123 5.21 -19.51 -25.96
CA GLY A 123 4.59 -19.74 -24.66
C GLY A 123 3.64 -20.93 -24.68
N LEU A 124 4.22 -22.15 -24.62
CA LEU A 124 3.51 -23.39 -24.94
C LEU A 124 3.15 -24.17 -23.66
N GLY A 125 4.13 -24.42 -22.81
CA GLY A 125 3.89 -25.30 -21.67
C GLY A 125 3.42 -24.53 -20.43
N SER A 126 3.82 -25.05 -19.27
CA SER A 126 3.66 -24.38 -17.99
C SER A 126 4.61 -23.18 -17.94
N THR A 127 4.05 -21.97 -17.75
CA THR A 127 4.81 -20.74 -17.76
C THR A 127 5.72 -20.59 -16.54
N GLN A 128 5.26 -21.09 -15.37
CA GLN A 128 5.89 -20.83 -14.07
C GLN A 128 5.96 -19.32 -13.81
N GLY A 129 4.78 -18.70 -13.67
CA GLY A 129 4.63 -17.27 -13.52
C GLY A 129 5.17 -16.77 -12.18
N GLN A 130 6.45 -16.40 -12.17
CA GLN A 130 7.04 -15.63 -11.10
C GLN A 130 6.85 -14.15 -11.41
N THR A 131 6.19 -13.43 -10.51
CA THR A 131 5.91 -12.01 -10.66
C THR A 131 6.35 -11.23 -9.42
N ILE A 132 7.12 -10.16 -9.61
CA ILE A 132 7.27 -9.13 -8.59
C ILE A 132 6.66 -7.86 -9.15
N ALA A 133 6.40 -6.87 -8.27
CA ALA A 133 5.80 -5.59 -8.61
C ALA A 133 6.52 -4.48 -7.83
N LEU A 134 7.42 -3.76 -8.52
CA LEU A 134 8.16 -2.64 -7.91
C LEU A 134 7.33 -1.37 -7.93
N PRO A 135 7.04 -0.73 -6.77
CA PRO A 135 6.43 0.59 -6.76
C PRO A 135 7.37 1.50 -7.52
N ALA A 136 6.85 2.39 -8.38
CA ALA A 136 7.70 3.06 -9.35
C ALA A 136 8.71 3.97 -8.65
N GLN A 137 8.31 4.47 -7.47
CA GLN A 137 9.16 5.33 -6.65
C GLN A 137 10.54 4.70 -6.48
N GLY A 138 10.60 3.37 -6.41
CA GLY A 138 11.81 2.65 -6.02
C GLY A 138 12.72 2.21 -7.18
N LEU A 139 12.34 2.49 -8.42
CA LEU A 139 13.02 1.95 -9.58
C LEU A 139 14.48 2.40 -9.63
N ILE A 140 14.76 3.64 -9.21
CA ILE A 140 16.15 4.11 -9.29
C ILE A 140 16.98 3.45 -8.20
N GLU A 141 16.41 3.33 -6.99
CA GLU A 141 17.11 2.62 -5.92
C GLU A 141 17.40 1.17 -6.34
N PHE A 142 16.39 0.53 -6.94
CA PHE A 142 16.51 -0.85 -7.37
C PHE A 142 17.54 -1.00 -8.48
N ARG A 143 17.48 -0.15 -9.50
CA ARG A 143 18.45 -0.18 -10.61
C ARG A 143 19.85 0.01 -10.03
N ASP A 144 19.96 0.89 -9.04
CA ASP A 144 21.26 1.25 -8.47
C ASP A 144 21.85 0.06 -7.71
N ALA A 145 21.02 -0.68 -6.96
CA ALA A 145 21.53 -1.79 -6.15
C ALA A 145 22.01 -2.89 -7.08
N LEU A 146 21.18 -3.13 -8.11
CA LEU A 146 21.47 -4.07 -9.18
C LEU A 146 22.75 -3.68 -9.88
N ALA A 147 22.95 -2.38 -10.19
CA ALA A 147 24.14 -1.92 -10.89
C ALA A 147 25.38 -2.16 -10.03
N LYS A 148 25.25 -1.93 -8.73
CA LYS A 148 26.37 -2.20 -7.83
C LYS A 148 26.74 -3.68 -7.83
N LEU A 149 25.76 -4.57 -7.68
CA LEU A 149 26.00 -5.98 -7.66
C LEU A 149 26.64 -6.43 -8.97
N ILE A 150 26.21 -5.86 -10.10
CA ILE A 150 26.82 -6.13 -11.39
C ILE A 150 28.27 -5.60 -11.44
N ASP A 151 28.54 -4.40 -10.92
CA ASP A 151 29.92 -3.90 -10.95
C ASP A 151 30.82 -4.80 -10.11
N ASP A 152 30.25 -5.35 -9.02
CA ASP A 152 31.01 -6.11 -8.04
C ASP A 152 31.24 -7.55 -8.48
N TYR A 153 30.19 -8.18 -9.04
CA TYR A 153 30.16 -9.62 -9.22
C TYR A 153 30.05 -10.04 -10.70
N GLY A 154 29.67 -9.14 -11.62
CA GLY A 154 29.66 -9.48 -13.03
C GLY A 154 31.07 -9.50 -13.61
N VAL A 155 31.19 -9.79 -14.91
CA VAL A 155 32.51 -10.00 -15.52
C VAL A 155 32.95 -8.79 -16.36
N GLU A 156 32.29 -8.53 -17.49
CA GLU A 156 32.76 -7.53 -18.43
C GLU A 156 31.74 -7.35 -19.57
N GLU B 1 -8.10 35.86 7.77
CA GLU B 1 -7.61 34.52 8.17
C GLU B 1 -7.44 33.68 6.91
N THR B 2 -7.37 32.34 7.07
CA THR B 2 -6.85 31.46 6.05
C THR B 2 -7.81 30.27 5.86
N GLN B 3 -8.18 30.02 4.60
CA GLN B 3 -9.06 28.93 4.21
C GLN B 3 -8.22 27.81 3.57
N GLU B 4 -8.66 26.56 3.75
CA GLU B 4 -7.93 25.39 3.28
C GLU B 4 -8.64 24.87 2.04
N LEU B 5 -7.96 24.88 0.89
CA LEU B 5 -8.60 24.63 -0.39
C LEU B 5 -8.42 23.18 -0.84
N ALA B 6 -7.23 22.61 -0.63
CA ALA B 6 -6.93 21.26 -1.11
C ALA B 6 -5.74 20.67 -0.36
N SER B 7 -5.79 19.36 -0.10
CA SER B 7 -4.68 18.65 0.49
C SER B 7 -4.29 17.42 -0.34
N LYS B 8 -3.01 17.07 -0.21
CA LYS B 8 -2.47 15.86 -0.81
C LYS B 8 -1.30 15.40 0.04
N ARG B 9 -1.31 14.12 0.43
CA ARG B 9 -0.25 13.51 1.22
C ARG B 9 0.58 12.60 0.33
N VAL B 10 1.91 12.75 0.39
CA VAL B 10 2.81 11.87 -0.31
C VAL B 10 3.64 11.14 0.74
N ASP B 11 3.62 9.81 0.67
CA ASP B 11 4.39 8.92 1.54
C ASP B 11 5.72 8.65 0.83
N ILE B 12 6.83 8.95 1.51
CA ILE B 12 8.15 8.60 0.97
C ILE B 12 8.94 7.93 2.10
N GLN B 13 9.25 6.65 1.91
CA GLN B 13 9.88 5.83 2.93
C GLN B 13 9.08 5.97 4.24
N ASN B 14 9.71 6.37 5.35
CA ASN B 14 9.06 6.38 6.66
C ASN B 14 8.53 7.77 7.03
N LYS B 15 8.67 8.73 6.11
CA LYS B 15 8.20 10.10 6.28
C LYS B 15 6.92 10.30 5.49
N ARG B 16 6.26 11.40 5.82
CA ARG B 16 5.07 11.87 5.11
C ARG B 16 5.23 13.34 4.77
N PHE B 17 4.61 13.73 3.66
CA PHE B 17 4.63 15.12 3.27
C PHE B 17 3.21 15.53 2.91
N TYR B 18 2.73 16.59 3.55
CA TYR B 18 1.43 17.17 3.25
C TYR B 18 1.64 18.45 2.45
N LEU B 19 1.08 18.46 1.24
CA LEU B 19 1.03 19.63 0.39
C LEU B 19 -0.37 20.23 0.54
N ASP B 20 -0.48 21.44 1.12
CA ASP B 20 -1.78 22.05 1.36
C ASP B 20 -1.87 23.37 0.60
N VAL B 21 -2.95 23.51 -0.20
CA VAL B 21 -3.30 24.76 -0.84
C VAL B 21 -4.18 25.61 0.10
N LYS B 22 -3.76 26.86 0.34
CA LYS B 22 -4.50 27.72 1.25
C LYS B 22 -4.66 29.10 0.62
N GLN B 23 -5.66 29.83 1.10
CA GLN B 23 -5.88 31.19 0.66
C GLN B 23 -6.11 32.09 1.87
N ASN B 24 -5.49 33.28 1.83
CA ASN B 24 -5.78 34.30 2.83
C ASN B 24 -6.29 35.52 2.07
N ALA B 25 -6.41 36.65 2.78
CA ALA B 25 -6.95 37.88 2.22
C ALA B 25 -6.05 38.39 1.09
N LYS B 26 -4.73 38.13 1.18
CA LYS B 26 -3.76 38.59 0.19
C LYS B 26 -3.57 37.59 -0.96
N GLY B 27 -3.51 36.29 -0.63
CA GLY B 27 -2.93 35.35 -1.58
C GLY B 27 -3.38 33.90 -1.44
N ARG B 28 -3.14 33.15 -2.50
CA ARG B 28 -3.17 31.71 -2.42
C ARG B 28 -1.75 31.23 -2.33
N PHE B 29 -1.53 30.16 -1.58
CA PHE B 29 -0.17 29.70 -1.32
C PHE B 29 -0.21 28.23 -0.90
N LEU B 30 0.99 27.67 -0.73
CA LEU B 30 1.16 26.26 -0.49
C LEU B 30 1.97 26.10 0.79
N LYS B 31 1.49 25.26 1.69
CA LYS B 31 2.23 24.83 2.84
C LYS B 31 2.68 23.39 2.61
N ILE B 32 3.94 23.09 2.88
CA ILE B 32 4.45 21.74 2.69
C ILE B 32 4.99 21.27 4.03
N ALA B 33 4.30 20.35 4.70
CA ALA B 33 4.74 19.88 6.00
C ALA B 33 5.32 18.48 5.91
N GLU B 34 6.51 18.33 6.46
CA GLU B 34 7.16 17.04 6.58
C GLU B 34 6.86 16.51 7.97
N VAL B 35 6.42 15.24 8.04
CA VAL B 35 6.26 14.56 9.32
C VAL B 35 7.21 13.38 9.33
N GLY B 36 8.19 13.42 10.24
CA GLY B 36 9.18 12.36 10.33
C GLY B 36 8.60 11.16 11.06
N ALA B 37 9.34 10.05 10.99
CA ALA B 37 8.96 8.82 11.67
C ALA B 37 8.72 9.08 13.17
N GLY B 38 9.57 9.94 13.77
CA GLY B 38 9.61 10.12 15.22
C GLY B 38 8.65 11.19 15.75
N GLY B 39 7.90 11.81 14.84
CA GLY B 39 6.97 12.87 15.23
C GLY B 39 7.42 14.26 14.79
N ASN B 40 8.66 14.42 14.31
CA ASN B 40 9.19 15.74 13.93
C ASN B 40 8.39 16.38 12.79
N LYS B 41 7.91 17.61 12.99
CA LYS B 41 7.25 18.34 11.92
C LYS B 41 8.06 19.58 11.56
N SER B 42 8.08 19.89 10.26
CA SER B 42 8.75 21.04 9.71
C SER B 42 7.99 21.49 8.46
N ARG B 43 8.17 22.74 8.00
CA ARG B 43 7.43 23.19 6.83
C ARG B 43 8.08 24.35 6.08
N LEU B 44 7.66 24.43 4.81
CA LEU B 44 7.92 25.50 3.88
C LEU B 44 6.59 26.17 3.58
N THR B 45 6.66 27.45 3.19
CA THR B 45 5.50 28.17 2.71
C THR B 45 5.93 28.76 1.37
N LEU B 46 5.12 28.49 0.34
CA LEU B 46 5.38 28.94 -1.01
C LEU B 46 4.15 29.66 -1.55
N SER B 47 4.37 30.84 -2.13
CA SER B 47 3.39 31.42 -3.03
C SER B 47 3.19 30.43 -4.18
N MET B 48 2.03 30.51 -4.84
CA MET B 48 1.74 29.68 -5.99
C MET B 48 2.69 30.05 -7.13
N SER B 49 3.09 31.31 -7.23
CA SER B 49 4.12 31.69 -8.20
C SER B 49 5.39 30.87 -7.96
N VAL B 50 5.83 30.84 -6.69
CA VAL B 50 7.09 30.22 -6.35
C VAL B 50 7.04 28.69 -6.52
N ALA B 51 5.87 28.07 -6.27
CA ALA B 51 5.72 26.63 -6.40
C ALA B 51 5.98 26.17 -7.84
N VAL B 52 5.61 27.00 -8.81
CA VAL B 52 5.92 26.72 -10.21
C VAL B 52 7.42 26.59 -10.38
N GLU B 53 8.20 27.53 -9.83
CA GLU B 53 9.65 27.47 -9.95
C GLU B 53 10.20 26.29 -9.16
N PHE B 54 9.65 26.03 -7.98
CA PHE B 54 10.10 24.91 -7.17
C PHE B 54 9.89 23.58 -7.93
N ARG B 55 8.69 23.40 -8.51
CA ARG B 55 8.34 22.28 -9.37
C ARG B 55 9.31 22.14 -10.53
N ASP B 56 9.62 23.24 -11.21
CA ASP B 56 10.62 23.18 -12.26
C ASP B 56 11.96 22.73 -11.70
N TYR B 57 12.42 23.29 -10.57
CA TYR B 57 13.69 22.87 -9.99
C TYR B 57 13.71 21.38 -9.66
N LEU B 58 12.55 20.83 -9.22
CA LEU B 58 12.46 19.44 -8.82
C LEU B 58 12.81 18.55 -10.00
N GLY B 59 12.35 18.98 -11.18
CA GLY B 59 12.65 18.32 -12.44
C GLY B 59 14.15 18.20 -12.69
N ASP B 60 14.90 19.23 -12.31
CA ASP B 60 16.35 19.19 -12.42
C ASP B 60 16.95 18.19 -11.43
N PHE B 61 16.49 18.19 -10.18
CA PHE B 61 16.99 17.23 -9.21
C PHE B 61 16.68 15.80 -9.64
N ILE B 62 15.47 15.59 -10.15
CA ILE B 62 15.05 14.30 -10.63
C ILE B 62 16.00 13.76 -11.70
N GLU B 63 16.33 14.60 -12.66
CA GLU B 63 17.17 14.18 -13.77
C GLU B 63 18.54 13.82 -13.24
N HIS B 64 19.05 14.64 -12.32
CA HIS B 64 20.34 14.39 -11.72
C HIS B 64 20.35 13.06 -10.95
N TYR B 65 19.33 12.84 -10.10
CA TYR B 65 19.24 11.64 -9.28
C TYR B 65 19.17 10.39 -10.15
N ALA B 66 18.46 10.44 -11.27
CA ALA B 66 18.21 9.25 -12.08
C ALA B 66 19.48 8.80 -12.80
N GLN B 67 20.45 9.71 -12.93
CA GLN B 67 21.66 9.54 -13.71
C GLN B 67 22.86 9.19 -12.81
N LEU B 68 22.70 9.28 -11.48
CA LEU B 68 23.80 9.17 -10.51
C LEU B 68 24.44 7.79 -10.51
N GLY B 69 23.61 6.75 -10.55
CA GLY B 69 24.17 5.42 -10.34
C GLY B 69 24.40 5.22 -8.84
N PRO B 70 24.91 4.09 -8.35
CA PRO B 70 24.95 3.85 -6.91
C PRO B 70 26.05 4.62 -6.20
N SER B 71 25.87 4.86 -4.89
CA SER B 71 26.85 5.60 -4.11
C SER B 71 28.18 4.88 -4.15
N GLN B 72 29.22 5.65 -4.52
CA GLN B 72 30.59 5.18 -4.55
C GLN B 72 31.27 5.46 -3.20
N PRO B 73 32.36 4.76 -2.83
CA PRO B 73 33.03 5.06 -1.57
C PRO B 73 33.72 6.43 -1.57
N PRO B 74 33.83 7.09 -0.40
CA PRO B 74 34.61 8.33 -0.25
C PRO B 74 36.02 8.35 -0.84
N ASP B 75 36.59 9.55 -0.94
CA ASP B 75 37.91 9.78 -1.51
C ASP B 75 38.98 9.59 -0.42
N ARG B 85 30.51 19.45 -1.24
CA ARG B 85 30.06 18.11 -0.78
C ARG B 85 28.66 17.78 -1.30
N ALA B 86 27.71 18.73 -1.29
CA ALA B 86 26.39 18.49 -1.88
C ALA B 86 26.57 18.03 -3.33
N LEU B 87 25.85 16.96 -3.70
CA LEU B 87 25.89 16.40 -5.04
C LEU B 87 25.38 17.42 -6.05
N LYS B 88 24.46 18.31 -5.60
CA LYS B 88 23.90 19.34 -6.46
C LYS B 88 23.13 20.35 -5.59
N SER B 89 23.41 21.64 -5.79
CA SER B 89 22.74 22.73 -5.09
C SER B 89 21.97 23.57 -6.09
N GLU B 90 20.82 24.08 -5.62
CA GLU B 90 20.12 25.14 -6.31
C GLU B 90 19.63 26.15 -5.29
N PHE B 91 19.24 27.30 -5.82
CA PHE B 91 18.98 28.47 -5.02
C PHE B 91 17.82 29.23 -5.68
N LEU B 92 16.87 29.67 -4.85
CA LEU B 92 15.62 30.26 -5.27
C LEU B 92 15.28 31.42 -4.35
N VAL B 93 15.17 32.64 -4.93
CA VAL B 93 14.94 33.86 -4.17
C VAL B 93 13.77 34.62 -4.81
N ARG B 94 12.73 34.83 -4.02
CA ARG B 94 11.55 35.55 -4.48
C ARG B 94 11.08 36.52 -3.42
N GLU B 95 11.42 37.79 -3.57
CA GLU B 95 11.10 38.82 -2.61
C GLU B 95 11.59 38.34 -1.25
N ASN B 96 10.67 38.10 -0.31
CA ASN B 96 11.02 38.05 1.11
C ASN B 96 11.45 36.65 1.55
N ARG B 97 11.55 35.69 0.62
CA ARG B 97 11.89 34.33 0.98
C ARG B 97 12.98 33.79 0.06
N LYS B 98 13.98 33.13 0.67
CA LYS B 98 14.99 32.36 -0.02
C LYS B 98 14.76 30.88 0.28
N TYR B 99 15.20 30.01 -0.62
CA TYR B 99 15.09 28.57 -0.43
C TYR B 99 16.40 27.93 -0.89
N TYR B 100 17.09 27.23 0.02
CA TYR B 100 18.32 26.54 -0.31
C TYR B 100 18.01 25.07 -0.61
N MET B 101 18.25 24.66 -1.88
CA MET B 101 17.98 23.30 -2.32
C MET B 101 19.29 22.52 -2.54
N ASP B 102 19.51 21.51 -1.70
CA ASP B 102 20.72 20.71 -1.80
C ASP B 102 20.37 19.25 -1.86
N LEU B 103 20.92 18.57 -2.87
CA LEU B 103 20.81 17.13 -2.96
C LEU B 103 22.04 16.50 -2.31
N LYS B 104 21.79 15.71 -1.26
CA LYS B 104 22.83 15.17 -0.39
C LYS B 104 22.66 13.67 -0.29
N GLU B 105 23.64 13.01 0.35
CA GLU B 105 23.51 11.61 0.73
C GLU B 105 24.06 11.37 2.12
N ASN B 106 23.36 10.51 2.84
CA ASN B 106 23.85 9.94 4.08
C ASN B 106 23.79 8.41 3.94
N GLN B 107 23.96 7.68 5.04
CA GLN B 107 24.21 6.25 4.98
C GLN B 107 22.94 5.54 4.53
N ARG B 108 21.78 6.18 4.76
CA ARG B 108 20.50 5.54 4.43
C ARG B 108 19.95 5.98 3.07
N GLY B 109 20.58 6.96 2.37
CA GLY B 109 20.27 7.20 0.96
C GLY B 109 20.60 8.62 0.49
N ARG B 110 19.99 9.02 -0.63
CA ARG B 110 20.06 10.40 -1.04
C ARG B 110 18.76 11.09 -0.70
N PHE B 111 18.83 12.40 -0.58
CA PHE B 111 17.67 13.18 -0.20
C PHE B 111 17.89 14.62 -0.66
N LEU B 112 16.78 15.34 -0.88
CA LEU B 112 16.82 16.73 -1.28
C LEU B 112 16.35 17.54 -0.08
N ARG B 113 17.32 18.28 0.47
CA ARG B 113 17.09 19.23 1.54
C ARG B 113 16.69 20.57 0.94
N ILE B 114 15.56 21.06 1.43
CA ILE B 114 15.10 22.40 1.08
C ILE B 114 14.98 23.20 2.36
N ARG B 115 15.68 24.31 2.38
CA ARG B 115 15.81 25.07 3.60
C ARG B 115 15.34 26.49 3.32
N GLN B 116 14.21 26.87 3.90
CA GLN B 116 13.61 28.18 3.68
C GLN B 116 14.12 29.20 4.71
N THR B 117 14.47 30.41 4.24
CA THR B 117 14.86 31.49 5.13
C THR B 117 14.15 32.79 4.76
N VAL B 118 14.15 33.72 5.71
CA VAL B 118 13.71 35.09 5.46
C VAL B 118 14.72 35.75 4.52
N ASN B 119 14.27 36.68 3.67
CA ASN B 119 15.18 37.41 2.81
C ASN B 119 15.65 38.71 3.49
N ARG B 120 14.73 39.35 4.21
CA ARG B 120 15.02 40.54 5.00
C ARG B 120 14.22 40.46 6.30
N GLY B 121 14.91 40.67 7.42
CA GLY B 121 14.44 40.26 8.73
C GLY B 121 15.50 39.41 9.42
N PRO B 122 15.55 39.37 10.77
CA PRO B 122 16.51 38.52 11.48
C PRO B 122 16.36 37.03 11.18
N GLY B 123 15.10 36.61 10.99
CA GLY B 123 14.71 35.21 11.05
C GLY B 123 14.16 34.88 12.44
N LEU B 124 13.48 33.75 12.57
CA LEU B 124 13.02 33.25 13.85
C LEU B 124 12.81 31.75 13.73
N GLY B 125 13.00 31.06 14.86
CA GLY B 125 12.75 29.63 14.93
C GLY B 125 13.94 28.83 14.42
N SER B 126 13.96 27.56 14.81
CA SER B 126 15.00 26.64 14.38
C SER B 126 14.99 26.57 12.85
N THR B 127 16.19 26.30 12.33
CA THR B 127 16.48 26.17 10.91
C THR B 127 15.85 24.87 10.42
N GLN B 128 15.79 23.88 11.34
CA GLN B 128 15.26 22.54 11.06
C GLN B 128 13.74 22.59 10.92
N GLY B 129 13.07 23.44 11.72
CA GLY B 129 11.62 23.61 11.65
C GLY B 129 11.11 24.22 10.34
N GLN B 130 12.01 24.84 9.56
CA GLN B 130 11.65 25.39 8.24
C GLN B 130 12.59 24.80 7.17
N THR B 131 13.11 23.61 7.47
CA THR B 131 13.80 22.77 6.52
C THR B 131 12.98 21.48 6.31
N ILE B 132 12.90 21.00 5.07
CA ILE B 132 12.43 19.63 4.86
C ILE B 132 13.48 18.84 4.09
N ALA B 133 13.46 17.51 4.27
CA ALA B 133 14.35 16.59 3.58
C ALA B 133 13.53 15.51 2.88
N LEU B 134 13.45 15.58 1.55
CA LEU B 134 12.73 14.62 0.73
C LEU B 134 13.66 13.48 0.35
N PRO B 135 13.38 12.23 0.76
CA PRO B 135 14.16 11.09 0.27
C PRO B 135 14.00 11.10 -1.25
N ALA B 136 15.12 10.93 -1.95
CA ALA B 136 15.19 11.28 -3.36
C ALA B 136 14.21 10.41 -4.14
N GLN B 137 13.91 9.23 -3.58
CA GLN B 137 13.01 8.25 -4.15
C GLN B 137 11.63 8.83 -4.42
N GLY B 138 11.26 9.85 -3.65
CA GLY B 138 9.92 10.43 -3.73
C GLY B 138 9.88 11.71 -4.54
N LEU B 139 10.99 12.16 -5.13
CA LEU B 139 11.01 13.43 -5.85
C LEU B 139 9.97 13.45 -6.97
N ILE B 140 9.87 12.34 -7.71
CA ILE B 140 8.97 12.24 -8.84
C ILE B 140 7.54 12.33 -8.31
N GLU B 141 7.17 11.51 -7.31
CA GLU B 141 5.79 11.54 -6.83
C GLU B 141 5.47 12.91 -6.24
N PHE B 142 6.42 13.50 -5.52
CA PHE B 142 6.21 14.81 -4.91
C PHE B 142 6.02 15.86 -6.00
N ARG B 143 6.93 15.89 -7.01
CA ARG B 143 6.82 16.87 -8.09
C ARG B 143 5.47 16.71 -8.77
N ASP B 144 5.04 15.46 -8.99
CA ASP B 144 3.76 15.18 -9.66
C ASP B 144 2.56 15.67 -8.83
N ALA B 145 2.57 15.46 -7.51
CA ALA B 145 1.48 15.88 -6.63
C ALA B 145 1.42 17.40 -6.55
N LEU B 146 2.60 18.01 -6.60
CA LEU B 146 2.71 19.45 -6.64
C LEU B 146 2.19 19.98 -7.98
N ALA B 147 2.63 19.36 -9.08
CA ALA B 147 2.19 19.76 -10.41
C ALA B 147 0.66 19.72 -10.50
N LYS B 148 0.02 18.72 -9.88
CA LYS B 148 -1.43 18.60 -9.92
C LYS B 148 -2.11 19.73 -9.14
N LEU B 149 -1.63 20.00 -7.93
CA LEU B 149 -2.19 21.05 -7.10
C LEU B 149 -2.04 22.38 -7.84
N ILE B 150 -0.87 22.64 -8.44
CA ILE B 150 -0.71 23.83 -9.27
C ILE B 150 -1.73 23.83 -10.41
N ASP B 151 -1.89 22.70 -11.13
CA ASP B 151 -2.85 22.64 -12.23
C ASP B 151 -4.23 23.09 -11.79
N ASP B 152 -4.69 22.56 -10.63
CA ASP B 152 -6.07 22.62 -10.20
C ASP B 152 -6.38 23.81 -9.29
N TYR B 153 -5.36 24.49 -8.75
CA TYR B 153 -5.63 25.66 -7.93
C TYR B 153 -4.73 26.84 -8.30
N GLY B 154 -3.85 26.68 -9.29
CA GLY B 154 -2.97 27.76 -9.69
C GLY B 154 -3.55 28.50 -10.89
N VAL B 155 -3.16 29.78 -11.01
CA VAL B 155 -3.51 30.61 -12.15
C VAL B 155 -2.26 30.79 -13.03
N GLU B 156 -1.21 30.01 -12.71
CA GLU B 156 0.09 30.19 -13.31
C GLU B 156 0.77 28.81 -13.45
N GLU C 1 -32.36 24.00 14.72
CA GLU C 1 -32.49 22.66 15.35
C GLU C 1 -31.71 21.64 14.52
N THR C 2 -30.83 20.87 15.17
CA THR C 2 -30.07 19.85 14.46
C THR C 2 -30.95 18.63 14.24
N GLN C 3 -31.20 18.29 12.97
CA GLN C 3 -32.00 17.11 12.66
C GLN C 3 -31.19 16.14 11.82
N GLU C 4 -31.11 14.90 12.30
CA GLU C 4 -30.42 13.83 11.60
C GLU C 4 -31.18 13.52 10.31
N LEU C 5 -30.42 13.39 9.22
CA LEU C 5 -30.97 13.10 7.92
C LEU C 5 -30.81 11.60 7.62
N ALA C 6 -29.90 10.94 8.36
CA ALA C 6 -29.63 9.53 8.16
C ALA C 6 -28.75 8.99 9.28
N SER C 7 -29.06 7.75 9.69
CA SER C 7 -28.22 6.94 10.56
C SER C 7 -27.56 5.86 9.71
N LYS C 8 -26.47 5.28 10.22
CA LYS C 8 -25.84 4.12 9.61
C LYS C 8 -25.25 3.25 10.72
N ARG C 9 -25.37 1.93 10.57
CA ARG C 9 -24.83 0.99 11.53
C ARG C 9 -23.80 0.09 10.86
N VAL C 10 -22.64 -0.10 11.52
CA VAL C 10 -21.59 -0.99 11.06
C VAL C 10 -21.17 -1.90 12.21
N ASP C 11 -21.38 -3.22 12.07
CA ASP C 11 -21.02 -4.15 13.11
C ASP C 11 -19.65 -4.74 12.81
N ILE C 12 -18.73 -4.72 13.78
CA ILE C 12 -17.38 -5.23 13.59
C ILE C 12 -16.97 -5.97 14.86
N GLN C 13 -16.69 -7.28 14.71
CA GLN C 13 -16.55 -8.19 15.83
C GLN C 13 -17.71 -7.91 16.78
N ASN C 14 -17.46 -7.58 18.06
CA ASN C 14 -18.54 -7.15 18.93
C ASN C 14 -18.30 -5.69 19.31
N LYS C 15 -18.35 -4.82 18.30
CA LYS C 15 -18.49 -3.40 18.49
C LYS C 15 -19.42 -2.86 17.41
N ARG C 16 -20.01 -1.70 17.67
CA ARG C 16 -20.92 -1.09 16.72
C ARG C 16 -20.57 0.38 16.60
N PHE C 17 -20.65 0.87 15.37
CA PHE C 17 -20.49 2.28 15.09
C PHE C 17 -21.78 2.76 14.41
N TYR C 18 -22.26 3.94 14.84
CA TYR C 18 -23.32 4.65 14.14
C TYR C 18 -22.71 5.87 13.44
N LEU C 19 -23.06 6.01 12.15
CA LEU C 19 -22.72 7.18 11.35
C LEU C 19 -23.98 7.98 11.05
N ASP C 20 -24.20 9.05 11.81
CA ASP C 20 -25.32 9.95 11.61
C ASP C 20 -24.83 11.19 10.88
N VAL C 21 -25.45 11.49 9.73
CA VAL C 21 -25.26 12.80 9.12
C VAL C 21 -26.38 13.71 9.66
N LYS C 22 -25.97 14.83 10.25
CA LYS C 22 -26.89 15.77 10.87
C LYS C 22 -26.75 17.12 10.17
N GLN C 23 -27.77 17.95 10.33
CA GLN C 23 -27.69 19.32 9.86
C GLN C 23 -28.42 20.24 10.83
N ASN C 24 -27.66 21.20 11.37
CA ASN C 24 -28.23 22.38 12.00
C ASN C 24 -28.14 23.52 10.99
N ALA C 25 -28.73 24.67 11.31
CA ALA C 25 -28.77 25.81 10.41
C ALA C 25 -27.37 26.37 10.13
N LYS C 26 -26.33 25.87 10.84
CA LYS C 26 -24.94 26.18 10.51
C LYS C 26 -24.50 25.45 9.25
N GLY C 27 -24.95 24.20 9.08
CA GLY C 27 -24.52 23.37 7.96
C GLY C 27 -24.64 21.88 8.27
N ARG C 28 -24.12 21.06 7.36
CA ARG C 28 -24.21 19.60 7.44
C ARG C 28 -22.89 19.05 7.98
N PHE C 29 -22.96 18.00 8.82
CA PHE C 29 -21.78 17.39 9.41
C PHE C 29 -22.04 15.93 9.76
N LEU C 30 -20.96 15.17 9.97
CA LEU C 30 -21.03 13.75 10.32
C LEU C 30 -20.68 13.55 11.79
N LYS C 31 -21.47 12.68 12.45
CA LYS C 31 -21.16 12.16 13.78
C LYS C 31 -20.89 10.67 13.67
N ILE C 32 -19.95 10.21 14.50
CA ILE C 32 -19.48 8.83 14.50
C ILE C 32 -19.32 8.38 15.95
N ALA C 33 -20.32 7.62 16.42
CA ALA C 33 -20.34 7.14 17.78
C ALA C 33 -19.95 5.67 17.80
N GLU C 34 -19.19 5.28 18.82
CA GLU C 34 -18.88 3.89 19.10
C GLU C 34 -19.95 3.29 20.02
N VAL C 35 -19.97 1.96 20.07
CA VAL C 35 -20.89 1.15 20.88
C VAL C 35 -21.82 2.06 21.68
N SER C 42 -16.70 6.65 22.11
CA SER C 42 -16.80 8.12 22.19
C SER C 42 -17.52 8.65 20.94
N ARG C 43 -17.23 9.89 20.49
CA ARG C 43 -18.03 10.50 19.45
C ARG C 43 -17.21 11.53 18.68
N LEU C 44 -16.97 11.26 17.39
CA LEU C 44 -16.34 12.25 16.54
C LEU C 44 -17.44 13.13 15.95
N THR C 45 -17.05 14.35 15.58
CA THR C 45 -17.86 15.22 14.73
C THR C 45 -16.95 15.73 13.62
N LEU C 46 -17.44 15.61 12.38
CA LEU C 46 -16.68 15.94 11.19
C LEU C 46 -17.57 16.80 10.29
N SER C 47 -17.00 17.79 9.62
CA SER C 47 -17.64 18.35 8.45
C SER C 47 -17.57 17.30 7.33
N MET C 48 -18.55 17.37 6.42
CA MET C 48 -18.62 16.48 5.27
C MET C 48 -17.34 16.55 4.44
N SER C 49 -16.77 17.75 4.35
CA SER C 49 -15.54 17.99 3.61
C SER C 49 -14.39 17.18 4.25
N VAL C 50 -14.40 17.12 5.58
CA VAL C 50 -13.38 16.37 6.30
C VAL C 50 -13.70 14.88 6.21
N ALA C 51 -15.00 14.55 6.12
CA ALA C 51 -15.44 13.17 6.01
C ALA C 51 -14.93 12.57 4.70
N VAL C 52 -14.87 13.38 3.63
CA VAL C 52 -14.27 12.94 2.37
C VAL C 52 -12.80 12.56 2.59
N GLU C 53 -12.03 13.41 3.29
CA GLU C 53 -10.62 13.12 3.54
C GLU C 53 -10.44 11.81 4.31
N PHE C 54 -11.25 11.59 5.35
CA PHE C 54 -11.31 10.29 6.02
C PHE C 54 -11.60 9.15 5.04
N ARG C 55 -12.63 9.30 4.19
CA ARG C 55 -13.01 8.24 3.28
C ARG C 55 -11.77 7.79 2.50
N ASP C 56 -11.07 8.77 1.92
CA ASP C 56 -9.89 8.50 1.12
C ASP C 56 -8.74 7.92 1.95
N TYR C 57 -8.55 8.46 3.18
CA TYR C 57 -7.49 7.97 4.06
C TYR C 57 -7.76 6.53 4.50
N LEU C 58 -9.04 6.22 4.79
CA LEU C 58 -9.46 4.86 5.07
C LEU C 58 -9.02 3.93 3.94
N GLY C 59 -9.16 4.40 2.70
CA GLY C 59 -8.71 3.62 1.54
C GLY C 59 -7.21 3.35 1.59
N ASP C 60 -6.44 4.31 2.13
CA ASP C 60 -4.99 4.18 2.25
C ASP C 60 -4.69 3.10 3.27
N PHE C 61 -5.41 3.20 4.40
CA PHE C 61 -5.33 2.27 5.52
C PHE C 61 -5.72 0.86 5.08
N ILE C 62 -6.82 0.73 4.35
CA ILE C 62 -7.28 -0.57 3.89
C ILE C 62 -6.19 -1.25 3.06
N GLU C 63 -5.70 -0.53 2.04
CA GLU C 63 -4.62 -0.94 1.17
C GLU C 63 -3.47 -1.46 2.02
N HIS C 64 -3.04 -0.68 3.01
CA HIS C 64 -1.83 -1.01 3.75
C HIS C 64 -2.07 -2.32 4.52
N TYR C 65 -3.26 -2.44 5.13
CA TYR C 65 -3.69 -3.63 5.88
C TYR C 65 -3.74 -4.86 4.98
N ALA C 66 -4.33 -4.76 3.78
CA ALA C 66 -4.36 -5.90 2.87
C ALA C 66 -2.95 -6.35 2.47
N GLN C 67 -1.97 -5.43 2.47
CA GLN C 67 -0.61 -5.73 2.02
C GLN C 67 0.33 -6.14 3.17
N LEU C 68 -0.13 -6.08 4.43
CA LEU C 68 0.73 -6.43 5.57
C LEU C 68 1.28 -7.85 5.46
N GLY C 69 0.37 -8.79 5.14
CA GLY C 69 0.61 -10.21 5.40
C GLY C 69 0.62 -10.49 6.89
N PRO C 70 0.99 -11.73 7.31
CA PRO C 70 1.06 -12.07 8.74
C PRO C 70 2.09 -11.23 9.51
N SER C 71 1.87 -11.08 10.83
CA SER C 71 2.73 -10.31 11.71
C SER C 71 4.21 -10.72 11.53
N ALA C 86 3.41 2.53 15.53
CA ALA C 86 2.30 2.42 14.57
C ALA C 86 2.79 1.81 13.25
N LEU C 87 1.85 1.24 12.50
CA LEU C 87 2.13 0.70 11.19
C LEU C 87 1.96 1.79 10.14
N LYS C 88 1.06 2.74 10.43
CA LYS C 88 0.75 3.81 9.49
C LYS C 88 0.01 4.92 10.25
N SER C 89 0.38 6.17 9.98
CA SER C 89 -0.25 7.29 10.64
C SER C 89 -0.63 8.39 9.65
N GLU C 90 -1.65 9.15 10.04
CA GLU C 90 -2.03 10.36 9.36
C GLU C 90 -2.37 11.44 10.39
N PHE C 91 -2.17 12.67 9.93
CA PHE C 91 -2.21 13.88 10.72
C PHE C 91 -3.04 14.92 9.95
N LEU C 92 -4.16 15.34 10.54
CA LEU C 92 -5.21 16.11 9.87
C LEU C 92 -5.60 17.29 10.76
N VAL C 93 -5.50 18.53 10.27
CA VAL C 93 -5.92 19.69 11.05
C VAL C 93 -6.95 20.49 10.25
N ARG C 94 -8.17 20.66 10.78
CA ARG C 94 -9.27 21.18 9.99
C ARG C 94 -10.28 21.90 10.89
N GLU C 95 -10.31 23.24 10.80
CA GLU C 95 -11.36 24.05 11.40
C GLU C 95 -11.34 23.87 12.92
N ASN C 96 -10.16 24.09 13.54
CA ASN C 96 -10.02 24.11 14.99
C ASN C 96 -9.94 22.70 15.58
N ARG C 97 -9.94 21.67 14.70
CA ARG C 97 -9.87 20.29 15.17
C ARG C 97 -8.66 19.61 14.55
N LYS C 98 -8.02 18.75 15.34
CA LYS C 98 -6.87 17.95 14.93
C LYS C 98 -7.25 16.48 15.08
N TYR C 99 -6.92 15.66 14.05
CA TYR C 99 -7.24 14.24 14.05
C TYR C 99 -5.98 13.42 13.85
N TYR C 100 -5.74 12.50 14.79
CA TYR C 100 -4.70 11.51 14.66
C TYR C 100 -5.32 10.19 14.25
N MET C 101 -4.76 9.56 13.24
CA MET C 101 -5.21 8.26 12.76
C MET C 101 -4.02 7.31 12.77
N ASP C 102 -4.09 6.26 13.59
CA ASP C 102 -2.97 5.32 13.71
C ASP C 102 -3.49 3.91 13.51
N LEU C 103 -2.99 3.28 12.43
CA LEU C 103 -3.13 1.85 12.22
C LEU C 103 -2.09 1.20 13.11
N LYS C 104 -2.52 0.45 14.13
CA LYS C 104 -1.62 -0.20 15.06
C LYS C 104 -1.99 -1.68 15.18
N GLU C 105 -1.21 -2.43 15.96
CA GLU C 105 -1.63 -3.78 16.31
C GLU C 105 -1.14 -4.16 17.70
N ASN C 106 -1.86 -5.13 18.26
CA ASN C 106 -1.73 -5.55 19.63
C ASN C 106 -2.11 -7.04 19.69
N GLN C 107 -2.01 -7.64 20.88
CA GLN C 107 -2.28 -9.06 21.08
C GLN C 107 -3.51 -9.49 20.28
N ARG C 108 -4.68 -8.84 20.50
CA ARG C 108 -5.93 -9.37 19.98
C ARG C 108 -6.05 -9.11 18.46
N GLY C 109 -5.30 -8.15 17.90
CA GLY C 109 -5.28 -7.96 16.45
C GLY C 109 -5.05 -6.50 16.06
N ARG C 110 -5.17 -6.22 14.74
CA ARG C 110 -4.92 -4.91 14.16
C ARG C 110 -6.13 -3.99 14.34
N PHE C 111 -5.88 -2.69 14.40
CA PHE C 111 -6.98 -1.73 14.59
C PHE C 111 -6.56 -0.35 14.11
N LEU C 112 -7.58 0.49 13.86
CA LEU C 112 -7.37 1.89 13.54
C LEU C 112 -7.97 2.76 14.65
N ARG C 113 -7.11 3.52 15.30
N ARG C 113 -7.11 3.52 15.30
CA ARG C 113 -7.56 4.43 16.33
CA ARG C 113 -7.57 4.44 16.33
C ARG C 113 -7.65 5.83 15.77
C ARG C 113 -7.65 5.83 15.76
N ILE C 114 -8.72 6.52 16.11
CA ILE C 114 -8.93 7.88 15.64
C ILE C 114 -9.16 8.76 16.85
N ARG C 115 -8.30 9.78 17.04
CA ARG C 115 -8.47 10.71 18.13
C ARG C 115 -8.70 12.13 17.57
N GLN C 116 -9.76 12.77 18.08
CA GLN C 116 -10.18 14.12 17.72
C GLN C 116 -9.95 15.09 18.88
N THR C 117 -9.19 16.17 18.63
CA THR C 117 -8.94 17.20 19.63
C THR C 117 -9.42 18.56 19.14
N VAL C 118 -9.73 19.44 20.10
CA VAL C 118 -9.88 20.86 19.85
C VAL C 118 -8.51 21.51 20.00
N ASN C 119 -7.98 22.17 18.96
CA ASN C 119 -6.69 22.83 19.14
C ASN C 119 -6.83 24.35 19.10
N ARG C 120 -8.07 24.85 19.17
CA ARG C 120 -8.40 26.27 19.02
C ARG C 120 -9.90 26.48 19.19
N GLY C 121 -10.25 27.74 19.47
CA GLY C 121 -11.64 28.16 19.56
C GLY C 121 -12.30 27.64 20.83
N PRO C 122 -13.64 27.72 20.95
CA PRO C 122 -14.33 27.26 22.16
C PRO C 122 -14.10 25.77 22.41
N GLY C 123 -13.81 25.41 23.64
CA GLY C 123 -13.54 24.02 23.95
C GLY C 123 -12.09 23.69 24.20
N LEU C 124 -11.20 24.59 23.81
CA LEU C 124 -9.79 24.42 24.11
C LEU C 124 -9.69 24.33 25.62
N GLY C 125 -8.69 23.62 26.13
CA GLY C 125 -8.62 23.38 27.56
C GLY C 125 -9.42 22.10 27.58
N SER C 126 -8.79 20.96 27.86
CA SER C 126 -9.54 19.71 27.70
C SER C 126 -9.78 18.72 28.82
N THR C 127 -10.84 17.94 28.67
CA THR C 127 -11.19 16.90 29.56
C THR C 127 -11.82 16.03 28.53
N GLN C 128 -12.08 16.54 27.32
CA GLN C 128 -12.86 15.74 26.33
C GLN C 128 -12.32 15.29 24.95
N GLY C 129 -11.02 15.02 24.80
CA GLY C 129 -10.54 14.47 23.54
C GLY C 129 -11.22 13.17 23.14
N GLN C 130 -11.82 13.14 21.96
CA GLN C 130 -12.59 11.97 21.53
C GLN C 130 -11.79 10.90 20.82
N THR C 131 -12.12 9.64 21.09
CA THR C 131 -11.37 8.53 20.52
C THR C 131 -12.33 7.41 20.11
N ILE C 132 -12.05 6.81 18.94
CA ILE C 132 -12.70 5.57 18.60
C ILE C 132 -11.63 4.62 18.07
N ALA C 133 -11.90 3.32 18.25
CA ALA C 133 -11.01 2.28 17.81
C ALA C 133 -11.79 1.30 16.94
N LEU C 134 -11.41 1.19 15.68
CA LEU C 134 -12.05 0.28 14.74
C LEU C 134 -11.15 -0.93 14.54
N PRO C 135 -11.65 -2.17 14.73
CA PRO C 135 -10.91 -3.36 14.32
C PRO C 135 -10.71 -3.33 12.81
N ALA C 136 -9.54 -3.78 12.34
CA ALA C 136 -9.10 -3.59 10.96
C ALA C 136 -10.00 -4.34 10.00
N GLN C 137 -10.53 -5.47 10.44
CA GLN C 137 -11.48 -6.29 9.69
C GLN C 137 -12.64 -5.46 9.17
N GLY C 138 -13.06 -4.44 9.93
CA GLY C 138 -14.23 -3.64 9.58
C GLY C 138 -13.92 -2.33 8.84
N LEU C 139 -12.67 -2.05 8.47
CA LEU C 139 -12.39 -0.75 7.85
C LEU C 139 -13.16 -0.61 6.55
N ILE C 140 -13.26 -1.71 5.80
CA ILE C 140 -13.84 -1.63 4.47
C ILE C 140 -15.33 -1.34 4.63
N GLU C 141 -16.02 -2.05 5.52
CA GLU C 141 -17.45 -1.81 5.73
C GLU C 141 -17.67 -0.39 6.24
N PHE C 142 -16.81 0.05 7.14
CA PHE C 142 -16.94 1.36 7.72
C PHE C 142 -16.70 2.43 6.65
N ARG C 143 -15.66 2.27 5.82
CA ARG C 143 -15.40 3.17 4.71
C ARG C 143 -16.58 3.16 3.73
N ASP C 144 -17.12 1.97 3.42
CA ASP C 144 -18.23 1.88 2.47
C ASP C 144 -19.44 2.66 3.01
N ALA C 145 -19.66 2.66 4.33
CA ALA C 145 -20.85 3.32 4.88
C ALA C 145 -20.70 4.85 4.79
N LEU C 146 -19.51 5.33 5.12
CA LEU C 146 -19.11 6.72 5.02
C LEU C 146 -19.32 7.22 3.60
N ALA C 147 -18.74 6.47 2.64
CA ALA C 147 -18.74 6.79 1.22
C ALA C 147 -20.15 7.04 0.71
N LYS C 148 -21.10 6.24 1.19
CA LYS C 148 -22.47 6.30 0.73
C LYS C 148 -23.18 7.49 1.40
N LEU C 149 -22.79 7.86 2.62
CA LEU C 149 -23.36 9.06 3.21
C LEU C 149 -22.89 10.31 2.48
N ILE C 150 -21.60 10.32 2.08
CA ILE C 150 -21.03 11.36 1.24
C ILE C 150 -21.77 11.38 -0.10
N ASP C 151 -21.78 10.22 -0.79
CA ASP C 151 -22.51 9.99 -2.02
C ASP C 151 -23.88 10.67 -1.98
N ASP C 152 -24.67 10.35 -0.95
CA ASP C 152 -26.06 10.74 -0.91
C ASP C 152 -26.24 12.23 -0.67
N TYR C 153 -25.39 12.78 0.20
CA TYR C 153 -25.65 14.06 0.82
C TYR C 153 -24.68 15.10 0.30
N GLY C 154 -23.52 14.68 -0.20
CA GLY C 154 -22.55 15.63 -0.74
C GLY C 154 -21.95 16.50 0.35
N VAL C 155 -21.23 17.55 -0.04
CA VAL C 155 -20.54 18.41 0.91
C VAL C 155 -21.29 19.73 1.06
N THR D 2 -0.48 -40.07 10.90
CA THR D 2 -0.89 -38.71 10.45
C THR D 2 -0.62 -37.70 11.56
N GLN D 3 0.46 -36.91 11.41
CA GLN D 3 0.82 -35.93 12.42
C GLN D 3 -0.13 -34.73 12.36
N GLU D 4 -0.46 -34.16 13.54
CA GLU D 4 -0.78 -32.75 13.64
C GLU D 4 0.54 -32.01 13.51
N LEU D 5 0.59 -30.93 12.71
CA LEU D 5 1.77 -30.09 12.69
C LEU D 5 1.45 -28.78 13.42
N ALA D 6 0.32 -28.15 13.08
CA ALA D 6 0.00 -26.84 13.64
C ALA D 6 -1.48 -26.54 13.43
N SER D 7 -2.02 -25.70 14.31
CA SER D 7 -3.36 -25.17 14.14
C SER D 7 -3.28 -23.64 14.17
N LYS D 8 -4.29 -23.01 13.58
CA LYS D 8 -4.50 -21.58 13.73
C LYS D 8 -6.00 -21.33 13.69
N ARG D 9 -6.49 -20.51 14.61
CA ARG D 9 -7.90 -20.22 14.73
C ARG D 9 -8.14 -18.77 14.32
N VAL D 10 -9.28 -18.53 13.67
CA VAL D 10 -9.63 -17.22 13.14
C VAL D 10 -11.09 -16.97 13.42
N ASP D 11 -11.38 -15.90 14.16
CA ASP D 11 -12.76 -15.54 14.47
C ASP D 11 -13.16 -14.40 13.56
N ILE D 12 -14.26 -14.58 12.82
CA ILE D 12 -14.73 -13.57 11.90
C ILE D 12 -16.17 -13.31 12.26
N GLN D 13 -16.45 -12.03 12.60
CA GLN D 13 -17.72 -11.60 13.16
C GLN D 13 -18.03 -12.54 14.31
N ASN D 14 -19.10 -13.33 14.18
CA ASN D 14 -19.53 -14.20 15.25
C ASN D 14 -19.41 -15.65 14.78
N LYS D 15 -18.44 -15.90 13.88
CA LYS D 15 -18.13 -17.21 13.32
C LYS D 15 -16.66 -17.52 13.55
N ARG D 16 -16.33 -18.81 13.68
CA ARG D 16 -14.99 -19.27 13.96
C ARG D 16 -14.52 -20.34 12.97
N PHE D 17 -13.25 -20.23 12.56
CA PHE D 17 -12.64 -21.13 11.60
C PHE D 17 -11.32 -21.62 12.16
N TYR D 18 -10.95 -22.87 11.83
CA TYR D 18 -9.71 -23.48 12.25
C TYR D 18 -8.95 -23.95 11.03
N LEU D 19 -7.71 -23.44 10.88
CA LEU D 19 -6.78 -23.95 9.88
C LEU D 19 -5.78 -24.88 10.58
N ASP D 20 -5.77 -26.17 10.19
CA ASP D 20 -4.96 -27.20 10.84
C ASP D 20 -4.06 -27.86 9.80
N VAL D 21 -2.75 -27.75 9.98
CA VAL D 21 -1.79 -28.46 9.14
C VAL D 21 -1.57 -29.86 9.74
N LYS D 22 -1.29 -30.81 8.84
CA LYS D 22 -1.10 -32.22 9.15
C LYS D 22 -0.21 -32.86 8.08
N GLN D 23 0.50 -33.93 8.43
CA GLN D 23 1.29 -34.67 7.45
C GLN D 23 0.98 -36.16 7.58
N ASN D 24 1.08 -36.81 6.44
CA ASN D 24 0.91 -38.23 6.40
C ASN D 24 1.87 -38.54 5.28
N ALA D 25 2.23 -39.80 5.10
CA ALA D 25 3.07 -40.10 3.96
C ALA D 25 2.30 -39.61 2.79
N LYS D 26 2.99 -39.08 1.78
CA LYS D 26 2.37 -38.50 0.58
C LYS D 26 2.44 -36.98 0.68
N GLY D 27 2.55 -36.47 1.90
CA GLY D 27 2.71 -35.03 2.05
C GLY D 27 2.00 -34.32 3.16
N ARG D 28 2.22 -33.01 3.25
CA ARG D 28 1.49 -32.22 4.23
C ARG D 28 0.22 -31.70 3.60
N PHE D 29 -0.77 -31.35 4.43
CA PHE D 29 -2.05 -30.89 3.94
C PHE D 29 -2.76 -30.05 5.00
N LEU D 30 -3.69 -29.19 4.54
CA LEU D 30 -4.49 -28.35 5.43
C LEU D 30 -5.91 -28.87 5.52
N LYS D 31 -6.49 -28.74 6.71
CA LYS D 31 -7.92 -28.86 6.93
C LYS D 31 -8.49 -27.55 7.50
N ILE D 32 -9.51 -27.02 6.83
CA ILE D 32 -10.14 -25.76 7.17
C ILE D 32 -11.60 -26.05 7.51
N ALA D 33 -11.98 -25.80 8.76
CA ALA D 33 -13.30 -26.07 9.26
C ALA D 33 -14.02 -24.77 9.65
N GLU D 34 -15.28 -24.63 9.23
CA GLU D 34 -16.20 -23.70 9.87
C GLU D 34 -16.89 -24.40 11.02
N VAL D 35 -16.78 -23.83 12.21
CA VAL D 35 -17.44 -24.33 13.41
C VAL D 35 -18.95 -24.09 13.33
N GLY D 36 -19.72 -25.17 13.41
CA GLY D 36 -21.16 -25.05 13.34
C GLY D 36 -21.83 -26.39 13.60
N ALA D 37 -23.00 -26.58 12.99
CA ALA D 37 -23.72 -27.84 13.07
C ALA D 37 -23.35 -28.72 11.88
N GLY D 38 -22.38 -28.29 11.06
CA GLY D 38 -22.17 -28.94 9.77
C GLY D 38 -21.16 -30.10 9.81
N GLY D 39 -20.28 -30.11 10.82
CA GLY D 39 -19.28 -31.15 10.93
C GLY D 39 -18.38 -31.14 9.71
N ASN D 40 -18.34 -32.28 9.01
CA ASN D 40 -17.42 -32.51 7.90
C ASN D 40 -17.97 -31.90 6.62
N LYS D 41 -19.27 -31.71 6.57
CA LYS D 41 -19.91 -30.90 5.54
C LYS D 41 -19.35 -29.48 5.47
N SER D 42 -18.82 -28.93 6.58
CA SER D 42 -18.29 -27.59 6.51
C SER D 42 -16.81 -27.55 6.88
N ARG D 43 -16.06 -28.42 6.21
CA ARG D 43 -14.64 -28.62 6.42
C ARG D 43 -14.01 -28.97 5.08
N LEU D 44 -12.96 -28.24 4.69
CA LEU D 44 -12.25 -28.48 3.44
C LEU D 44 -10.94 -29.23 3.70
N THR D 45 -10.40 -29.82 2.63
CA THR D 45 -9.09 -30.45 2.64
C THR D 45 -8.28 -29.99 1.42
N LEU D 46 -7.08 -29.45 1.67
CA LEU D 46 -6.22 -28.91 0.62
C LEU D 46 -4.81 -29.47 0.79
N SER D 47 -4.18 -29.90 -0.31
CA SER D 47 -2.73 -30.08 -0.30
C SER D 47 -2.05 -28.72 -0.16
N MET D 48 -0.76 -28.77 0.17
CA MET D 48 0.05 -27.58 0.37
C MET D 48 0.21 -26.84 -0.95
N SER D 49 0.56 -27.58 -2.00
CA SER D 49 0.51 -27.07 -3.36
C SER D 49 -0.78 -26.29 -3.60
N VAL D 50 -1.91 -26.86 -3.18
CA VAL D 50 -3.21 -26.28 -3.46
C VAL D 50 -3.45 -25.07 -2.54
N ALA D 51 -2.86 -25.09 -1.34
CA ALA D 51 -3.08 -24.00 -0.41
C ALA D 51 -2.51 -22.73 -1.03
N VAL D 52 -1.40 -22.85 -1.74
CA VAL D 52 -0.71 -21.69 -2.29
C VAL D 52 -1.61 -20.99 -3.32
N GLU D 53 -2.14 -21.77 -4.27
CA GLU D 53 -3.01 -21.22 -5.31
C GLU D 53 -4.24 -20.58 -4.67
N PHE D 54 -4.69 -21.17 -3.57
CA PHE D 54 -5.85 -20.70 -2.83
C PHE D 54 -5.53 -19.35 -2.16
N ARG D 55 -4.43 -19.30 -1.42
CA ARG D 55 -3.93 -18.06 -0.85
C ARG D 55 -3.95 -16.94 -1.89
N ASP D 56 -3.50 -17.24 -3.12
CA ASP D 56 -3.38 -16.22 -4.15
C ASP D 56 -4.77 -15.78 -4.61
N TYR D 57 -5.67 -16.75 -4.80
CA TYR D 57 -7.07 -16.45 -5.10
C TYR D 57 -7.64 -15.50 -4.04
N LEU D 58 -7.41 -15.79 -2.75
CA LEU D 58 -7.83 -14.87 -1.70
C LEU D 58 -7.27 -13.46 -1.94
N GLY D 59 -5.99 -13.31 -2.27
CA GLY D 59 -5.45 -12.00 -2.64
C GLY D 59 -6.39 -11.27 -3.59
N ASP D 60 -6.85 -11.96 -4.64
CA ASP D 60 -7.77 -11.41 -5.63
C ASP D 60 -9.16 -11.10 -5.06
N PHE D 61 -9.63 -11.86 -4.06
CA PHE D 61 -10.96 -11.63 -3.52
C PHE D 61 -10.94 -10.40 -2.64
N ILE D 62 -9.84 -10.33 -1.89
CA ILE D 62 -9.54 -9.20 -1.03
C ILE D 62 -9.53 -7.91 -1.85
N GLU D 63 -8.90 -7.93 -3.03
CA GLU D 63 -8.82 -6.75 -3.87
C GLU D 63 -10.22 -6.40 -4.40
N HIS D 64 -10.98 -7.39 -4.86
CA HIS D 64 -12.30 -7.13 -5.39
C HIS D 64 -13.15 -6.51 -4.29
N TYR D 65 -13.02 -7.02 -3.06
CA TYR D 65 -13.91 -6.61 -1.97
C TYR D 65 -13.59 -5.17 -1.58
N ALA D 66 -12.30 -4.86 -1.52
CA ALA D 66 -11.82 -3.54 -1.12
C ALA D 66 -12.22 -2.45 -2.12
N GLN D 67 -12.60 -2.83 -3.34
CA GLN D 67 -12.94 -1.82 -4.35
C GLN D 67 -14.41 -1.94 -4.76
N LEU D 68 -15.22 -2.68 -3.99
CA LEU D 68 -16.64 -2.78 -4.30
C LEU D 68 -17.33 -1.44 -4.07
N GLY D 69 -16.88 -0.75 -3.01
CA GLY D 69 -17.56 0.44 -2.53
C GLY D 69 -18.94 0.06 -1.99
N PRO D 70 -19.77 1.04 -1.58
CA PRO D 70 -21.09 0.74 -1.01
C PRO D 70 -22.00 0.02 -2.00
N SER D 71 -22.58 -1.10 -1.58
CA SER D 71 -23.36 -1.92 -2.49
C SER D 71 -24.05 -3.07 -1.72
N ALA D 86 -23.34 -13.72 -8.03
CA ALA D 86 -21.96 -13.71 -7.49
C ALA D 86 -21.18 -12.54 -8.08
N LEU D 87 -20.53 -11.77 -7.19
CA LEU D 87 -19.79 -10.56 -7.53
C LEU D 87 -18.49 -10.95 -8.22
N LYS D 88 -18.00 -12.13 -7.85
CA LYS D 88 -16.77 -12.67 -8.39
C LYS D 88 -16.77 -14.16 -8.17
N SER D 89 -16.32 -14.90 -9.19
CA SER D 89 -16.18 -16.34 -9.16
C SER D 89 -14.77 -16.72 -9.62
N GLU D 90 -14.11 -17.60 -8.85
CA GLU D 90 -12.92 -18.27 -9.33
C GLU D 90 -13.10 -19.76 -9.14
N PHE D 91 -12.16 -20.51 -9.73
CA PHE D 91 -12.31 -21.94 -9.88
C PHE D 91 -10.92 -22.55 -9.83
N LEU D 92 -10.85 -23.72 -9.20
CA LEU D 92 -9.59 -24.39 -8.92
C LEU D 92 -9.81 -25.90 -8.88
N VAL D 93 -9.06 -26.62 -9.72
CA VAL D 93 -9.14 -28.07 -9.74
C VAL D 93 -7.71 -28.61 -9.69
N ARG D 94 -7.51 -29.62 -8.84
CA ARG D 94 -6.22 -30.28 -8.72
C ARG D 94 -6.46 -31.73 -8.28
N GLU D 95 -5.82 -32.71 -8.94
CA GLU D 95 -6.01 -34.13 -8.66
C GLU D 95 -7.49 -34.47 -8.82
N ASN D 96 -8.19 -34.84 -7.73
CA ASN D 96 -9.59 -35.23 -7.84
C ASN D 96 -10.54 -34.15 -7.28
N ARG D 97 -10.00 -33.02 -6.77
CA ARG D 97 -10.79 -32.09 -5.97
C ARG D 97 -11.01 -30.78 -6.74
N LYS D 98 -12.26 -30.30 -6.75
CA LYS D 98 -12.61 -28.99 -7.32
C LYS D 98 -13.04 -28.03 -6.21
N TYR D 99 -12.63 -26.77 -6.35
CA TYR D 99 -12.92 -25.73 -5.38
C TYR D 99 -13.61 -24.55 -6.05
N TYR D 100 -14.88 -24.33 -5.70
CA TYR D 100 -15.68 -23.24 -6.22
C TYR D 100 -15.67 -22.08 -5.25
N MET D 101 -15.23 -20.90 -5.72
CA MET D 101 -15.10 -19.71 -4.90
C MET D 101 -15.99 -18.60 -5.45
N ASP D 102 -16.93 -18.14 -4.62
CA ASP D 102 -17.92 -17.18 -5.04
C ASP D 102 -18.08 -16.10 -3.97
N LEU D 103 -17.68 -14.87 -4.33
CA LEU D 103 -17.90 -13.69 -3.51
C LEU D 103 -19.31 -13.19 -3.77
N LYS D 104 -20.19 -13.32 -2.79
CA LYS D 104 -21.60 -12.98 -2.94
C LYS D 104 -21.96 -11.91 -1.91
N GLU D 105 -23.17 -11.35 -2.03
CA GLU D 105 -23.76 -10.58 -0.94
C GLU D 105 -25.23 -10.93 -0.81
N ASN D 106 -25.61 -11.29 0.41
CA ASN D 106 -27.00 -11.40 0.83
C ASN D 106 -27.28 -10.21 1.74
N GLN D 107 -28.46 -10.19 2.38
CA GLN D 107 -28.91 -8.99 3.07
C GLN D 107 -28.05 -8.75 4.31
N ARG D 108 -27.36 -9.80 4.78
CA ARG D 108 -26.55 -9.72 5.97
C ARG D 108 -25.08 -9.38 5.66
N GLY D 109 -24.68 -9.34 4.37
CA GLY D 109 -23.41 -8.71 4.01
C GLY D 109 -22.66 -9.49 2.95
N ARG D 110 -21.37 -9.14 2.73
CA ARG D 110 -20.54 -9.81 1.74
C ARG D 110 -19.80 -11.01 2.35
N PHE D 111 -19.67 -12.10 1.58
CA PHE D 111 -19.00 -13.32 2.00
C PHE D 111 -18.38 -14.08 0.83
N LEU D 112 -17.34 -14.87 1.13
CA LEU D 112 -16.72 -15.81 0.22
C LEU D 112 -17.18 -17.22 0.56
N ARG D 113 -17.97 -17.81 -0.35
CA ARG D 113 -18.36 -19.21 -0.27
C ARG D 113 -17.35 -20.06 -1.04
N ILE D 114 -16.66 -20.95 -0.32
CA ILE D 114 -15.80 -21.97 -0.90
C ILE D 114 -16.51 -23.31 -0.74
N ARG D 115 -16.82 -23.93 -1.87
CA ARG D 115 -17.43 -25.24 -1.95
C ARG D 115 -16.42 -26.19 -2.60
N GLN D 116 -16.11 -27.29 -1.90
CA GLN D 116 -15.15 -28.25 -2.40
C GLN D 116 -15.89 -29.52 -2.82
N THR D 117 -15.53 -30.07 -3.99
CA THR D 117 -16.12 -31.31 -4.45
C THR D 117 -15.04 -32.34 -4.77
N VAL D 118 -15.51 -33.59 -4.63
CA VAL D 118 -14.74 -34.76 -4.96
C VAL D 118 -15.37 -35.39 -6.20
N ASN D 119 -14.57 -35.51 -7.25
CA ASN D 119 -15.06 -36.03 -8.50
C ASN D 119 -15.34 -37.53 -8.31
N ARG D 120 -16.53 -38.00 -8.72
CA ARG D 120 -16.95 -39.38 -8.51
C ARG D 120 -16.25 -40.31 -9.51
N GLY D 121 -15.89 -39.76 -10.68
CA GLY D 121 -15.09 -40.47 -11.66
C GLY D 121 -15.03 -39.69 -12.97
N PRO D 122 -14.13 -40.07 -13.91
CA PRO D 122 -13.97 -39.38 -15.18
C PRO D 122 -15.24 -38.71 -15.71
N GLY D 123 -15.45 -37.45 -15.28
CA GLY D 123 -16.51 -36.61 -15.81
C GLY D 123 -17.86 -36.84 -15.12
N LEU D 124 -17.85 -36.80 -13.77
CA LEU D 124 -19.08 -36.84 -12.99
C LEU D 124 -18.82 -36.24 -11.61
N GLY D 125 -19.51 -35.14 -11.31
CA GLY D 125 -19.37 -34.43 -10.05
C GLY D 125 -20.08 -35.16 -8.92
N SER D 126 -19.66 -34.85 -7.69
CA SER D 126 -20.25 -35.43 -6.50
C SER D 126 -21.71 -35.00 -6.38
N THR D 127 -22.54 -35.87 -5.79
CA THR D 127 -23.93 -35.56 -5.47
C THR D 127 -23.96 -34.54 -4.33
N GLN D 128 -22.84 -34.48 -3.59
CA GLN D 128 -22.73 -33.69 -2.37
C GLN D 128 -21.30 -33.18 -2.21
N GLY D 129 -21.16 -32.01 -1.59
CA GLY D 129 -19.85 -31.42 -1.31
C GLY D 129 -19.75 -30.88 0.12
N GLN D 130 -18.62 -30.26 0.43
CA GLN D 130 -18.46 -29.59 1.71
C GLN D 130 -18.13 -28.14 1.41
N THR D 131 -18.58 -27.28 2.31
CA THR D 131 -18.66 -25.85 2.04
C THR D 131 -18.39 -25.04 3.30
N ILE D 132 -17.61 -23.97 3.15
CA ILE D 132 -17.51 -22.96 4.19
C ILE D 132 -17.90 -21.61 3.59
N ALA D 133 -18.33 -20.70 4.45
CA ALA D 133 -18.69 -19.33 4.09
C ALA D 133 -17.96 -18.38 5.03
N LEU D 134 -17.06 -17.55 4.49
CA LEU D 134 -16.29 -16.59 5.26
C LEU D 134 -16.89 -15.19 5.10
N PRO D 135 -17.25 -14.48 6.18
CA PRO D 135 -17.65 -13.09 6.04
C PRO D 135 -16.50 -12.29 5.44
N ALA D 136 -16.79 -11.42 4.46
CA ALA D 136 -15.75 -10.78 3.68
C ALA D 136 -14.85 -9.91 4.56
N GLN D 137 -15.39 -9.40 5.67
N GLN D 137 -15.41 -9.34 5.64
CA GLN D 137 -14.59 -8.55 6.55
CA GLN D 137 -14.61 -8.59 6.59
C GLN D 137 -13.47 -9.36 7.20
C GLN D 137 -13.39 -9.38 7.03
N GLY D 138 -13.52 -10.71 7.14
CA GLY D 138 -12.47 -11.56 7.69
C GLY D 138 -11.46 -12.11 6.70
N LEU D 139 -11.55 -11.80 5.40
CA LEU D 139 -10.70 -12.45 4.40
C LEU D 139 -9.22 -12.14 4.61
N ILE D 140 -8.91 -10.90 5.02
CA ILE D 140 -7.53 -10.53 5.19
C ILE D 140 -6.92 -11.36 6.33
N GLU D 141 -7.66 -11.47 7.45
CA GLU D 141 -7.19 -12.30 8.56
C GLU D 141 -7.01 -13.75 8.10
N PHE D 142 -8.03 -14.31 7.48
CA PHE D 142 -7.95 -15.68 7.03
C PHE D 142 -6.72 -15.87 6.15
N ARG D 143 -6.63 -15.03 5.12
CA ARG D 143 -5.55 -15.12 4.15
C ARG D 143 -4.22 -15.10 4.88
N ASP D 144 -4.08 -14.18 5.84
CA ASP D 144 -2.85 -14.02 6.59
C ASP D 144 -2.54 -15.27 7.41
N ALA D 145 -3.53 -15.84 8.12
CA ALA D 145 -3.32 -17.06 8.89
C ALA D 145 -2.83 -18.18 7.97
N LEU D 146 -3.48 -18.31 6.81
CA LEU D 146 -3.12 -19.32 5.85
C LEU D 146 -1.74 -19.07 5.28
N ALA D 147 -1.34 -17.80 5.14
CA ALA D 147 -0.07 -17.48 4.48
C ALA D 147 1.10 -17.87 5.38
N LYS D 148 0.91 -17.63 6.68
CA LYS D 148 1.88 -17.98 7.71
C LYS D 148 2.13 -19.49 7.69
N LEU D 149 1.05 -20.26 7.71
CA LEU D 149 1.16 -21.71 7.74
C LEU D 149 1.82 -22.22 6.47
N ILE D 150 1.57 -21.56 5.33
CA ILE D 150 2.24 -21.93 4.09
C ILE D 150 3.73 -21.54 4.15
N ASP D 151 4.07 -20.38 4.73
CA ASP D 151 5.46 -19.93 4.73
C ASP D 151 6.25 -20.94 5.58
N ASP D 152 5.61 -21.36 6.69
CA ASP D 152 6.18 -22.29 7.65
C ASP D 152 6.33 -23.69 7.04
N TYR D 153 5.22 -24.25 6.52
CA TYR D 153 5.09 -25.69 6.45
C TYR D 153 5.19 -26.21 5.02
N GLY D 154 5.95 -25.54 4.15
CA GLY D 154 6.56 -26.29 3.07
C GLY D 154 7.06 -25.43 1.91
N VAL D 155 8.26 -24.86 2.08
CA VAL D 155 8.97 -24.17 1.00
C VAL D 155 10.44 -24.56 1.08
N GLU D 156 11.30 -23.88 0.33
CA GLU D 156 12.72 -24.19 0.29
C GLU D 156 12.91 -25.71 0.35
#